data_3FU6
#
_entry.id   3FU6
#
_cell.length_a   78.045
_cell.length_b   87.082
_cell.length_c   99.531
_cell.angle_alpha   90.00
_cell.angle_beta   90.00
_cell.angle_gamma   90.00
#
_symmetry.space_group_name_H-M   'P 21 21 21'
#
loop_
_entity.id
_entity.type
_entity.pdbx_description
1 polymer 'Leukotriene A-4 hydrolase'
2 non-polymer 'ZINC ION'
3 non-polymer 'YTTERBIUM (III) ION'
4 non-polymer 1-(4-thiophen-2-ylphenyl)methanamine
5 non-polymer 'ACETATE ION'
6 non-polymer IMIDAZOLE
7 water water
#
_entity_poly.entity_id   1
_entity_poly.type   'polypeptide(L)'
_entity_poly.pdbx_seq_one_letter_code
;MPEIVDTCSLASPASVCRTKHLHLRCSVDFTRRTLTGTAALTVQSQEDNLRSLVLDTKDLTIEKVVINGQEVKYALGERQ
SYKGSPMEISLPIALSKNQEIVIEISFETSPKSSALQWLTPEQTSGKEHPYLFSQCQAIHCRAILPCQDTPSVKLTYTAE
VSVPKELVALMSAIRDGETPDPEDPSRKIYKFIQKVPIPCYLIALVVGALESRQIGPRTLVWSEKEQVEKSAYEFSETES
MLKIAEDLGGPYVWGQYDLLVLPPSFPYGGMENPCLTFVTPTLLAGDKSLSNVIAHEISHSWTGNLVTNKTWDHFWLNEG
HTVYLERHICGRLFGEKFRHFNALGGWGELQNSVKTFGETHPFTKLVVDLTDIDPDVAYSSVPYEKGFALLFYLEQLLGG
PEIFLGFLKAYVEKFSYKSITTDDWKDFLYSYFKDKVDVLNQVDWNAWLYSPGLPPIKPNYDMTLTNACIALSQRWITAK
EDDLNSFNATDLKDLSSHQLNEFLAQTLQRAPLPLGHIKRMQEVYNFNAINNSEIRFRWLRLCIQSKWEDAIPLALKMAT
EQGRMKFTRPLFKDLAAFDKSHDQAVRTYQEHKASMHPVTAMLVGKDLKVD
;
_entity_poly.pdbx_strand_id   A
#
loop_
_chem_comp.id
_chem_comp.type
_chem_comp.name
_chem_comp.formula
80G non-polymer 1-(4-thiophen-2-ylphenyl)methanamine 'C11 H11 N S'
ACT non-polymer 'ACETATE ION' 'C2 H3 O2 -1'
IMD non-polymer IMIDAZOLE 'C3 H5 N2 1'
YB non-polymer 'YTTERBIUM (III) ION' 'Yb 3'
ZN non-polymer 'ZINC ION' 'Zn 2'
#
# COMPACT_ATOMS: atom_id res chain seq x y z
N VAL A 5 -1.56 3.72 23.18
CA VAL A 5 -0.24 3.08 22.83
C VAL A 5 -0.27 2.06 21.68
N ASP A 6 0.89 1.85 21.08
CA ASP A 6 1.02 1.11 19.85
C ASP A 6 1.38 -0.34 20.13
N THR A 7 0.38 -1.22 20.04
CA THR A 7 0.58 -2.64 20.31
C THR A 7 1.38 -3.40 19.24
N CYS A 8 1.79 -2.72 18.18
CA CYS A 8 2.66 -3.34 17.16
C CYS A 8 4.14 -3.03 17.34
N SER A 9 4.45 -2.10 18.25
CA SER A 9 5.82 -1.68 18.46
C SER A 9 6.33 -2.09 19.84
N LEU A 10 7.62 -2.43 19.91
CA LEU A 10 8.26 -2.76 21.18
C LEU A 10 9.11 -1.59 21.70
N ALA A 11 9.15 -0.51 20.94
CA ALA A 11 9.99 0.64 21.28
C ALA A 11 9.38 1.52 22.39
N SER A 12 10.22 2.38 22.99
CA SER A 12 9.71 3.38 23.94
C SER A 12 8.68 4.21 23.19
N PRO A 13 7.52 4.47 23.81
CA PRO A 13 6.51 5.32 23.16
C PRO A 13 6.89 6.80 23.09
N ALA A 14 6.15 7.53 22.27
CA ALA A 14 6.36 8.98 22.07
C ALA A 14 6.25 9.77 23.39
N SER A 15 5.53 9.24 24.36
CA SER A 15 5.40 9.91 25.65
C SER A 15 6.71 9.81 26.47
N VAL A 16 7.60 8.88 26.08
CA VAL A 16 8.89 8.69 26.75
C VAL A 16 10.03 9.45 26.01
N CYS A 17 10.14 9.23 24.72
CA CYS A 17 11.14 9.91 23.88
C CYS A 17 10.66 9.92 22.44
N ARG A 18 11.20 10.85 21.66
CA ARG A 18 10.79 11.04 20.27
C ARG A 18 11.99 11.16 19.36
N THR A 19 12.04 10.34 18.32
CA THR A 19 13.07 10.53 17.28
C THR A 19 12.68 11.74 16.46
N LYS A 20 13.61 12.70 16.39
CA LYS A 20 13.48 13.93 15.62
C LYS A 20 14.05 13.81 14.20
N HIS A 21 15.15 13.07 14.07
CA HIS A 21 15.87 12.98 12.79
C HIS A 21 16.62 11.65 12.72
N LEU A 22 16.75 11.14 11.50
CA LEU A 22 17.62 10.00 11.23
C LEU A 22 18.64 10.44 10.20
N HIS A 23 19.92 10.22 10.51
CA HIS A 23 20.88 10.24 9.43
C HIS A 23 21.34 8.83 9.12
N LEU A 24 21.03 8.38 7.91
CA LEU A 24 21.37 7.02 7.50
C LEU A 24 22.56 7.05 6.55
N ARG A 25 23.58 6.29 6.92
CA ARG A 25 24.77 6.14 6.10
C ARG A 25 24.96 4.65 5.90
N CYS A 26 24.71 4.17 4.68
CA CYS A 26 24.78 2.73 4.40
C CYS A 26 25.35 2.37 3.02
N SER A 27 25.68 1.09 2.87
CA SER A 27 26.16 0.54 1.63
C SER A 27 25.34 -0.71 1.32
N VAL A 28 24.96 -0.85 0.05
CA VAL A 28 24.11 -1.94 -0.43
C VAL A 28 24.99 -3.03 -1.03
N ASP A 29 25.11 -4.16 -0.34
CA ASP A 29 25.96 -5.28 -0.77
C ASP A 29 25.15 -6.39 -1.43
N PHE A 30 25.10 -6.39 -2.76
CA PHE A 30 24.33 -7.37 -3.51
C PHE A 30 24.92 -8.79 -3.41
N THR A 31 26.23 -8.90 -3.17
CA THR A 31 26.84 -10.23 -3.04
C THR A 31 26.39 -10.90 -1.74
N ARG A 32 26.27 -10.11 -0.67
CA ARG A 32 25.81 -10.67 0.61
C ARG A 32 24.32 -10.45 0.86
N ARG A 33 23.65 -9.68 -0.01
CA ARG A 33 22.25 -9.27 0.19
C ARG A 33 22.05 -8.64 1.57
N THR A 34 22.97 -7.73 1.91
CA THR A 34 22.89 -6.99 3.17
C THR A 34 23.00 -5.48 2.93
N LEU A 35 22.30 -4.72 3.77
CA LEU A 35 22.55 -3.32 3.89
C LEU A 35 23.36 -3.17 5.18
N THR A 36 24.48 -2.44 5.10
CA THR A 36 25.40 -2.29 6.23
C THR A 36 25.68 -0.82 6.45
N GLY A 37 25.64 -0.37 7.71
CA GLY A 37 26.03 1.00 7.99
C GLY A 37 25.64 1.50 9.36
N THR A 38 25.35 2.79 9.43
CA THR A 38 25.03 3.45 10.67
C THR A 38 23.72 4.21 10.54
N ALA A 39 22.90 4.10 11.58
CA ALA A 39 21.68 4.89 11.73
C ALA A 39 21.94 5.81 12.93
N ALA A 40 22.12 7.11 12.65
CA ALA A 40 22.27 8.11 13.71
C ALA A 40 20.91 8.73 14.02
N LEU A 41 20.35 8.35 15.17
CA LEU A 41 19.04 8.84 15.58
C LEU A 41 19.19 10.02 16.52
N THR A 42 18.64 11.16 16.12
CA THR A 42 18.56 12.30 17.03
C THR A 42 17.29 12.12 17.83
N VAL A 43 17.45 11.96 19.14
CA VAL A 43 16.34 11.58 20.01
C VAL A 43 16.11 12.64 21.08
N GLN A 44 14.85 13.04 21.24
CA GLN A 44 14.49 14.02 22.26
C GLN A 44 13.76 13.34 23.43
N SER A 45 14.25 13.56 24.64
CA SER A 45 13.58 13.01 25.80
C SER A 45 12.26 13.74 26.06
N GLN A 46 11.22 13.00 26.44
CA GLN A 46 9.97 13.62 26.87
C GLN A 46 9.81 13.50 28.38
N GLU A 47 10.87 13.04 29.03
CA GLU A 47 10.80 12.67 30.45
C GLU A 47 12.02 13.20 31.19
N ASP A 48 11.80 13.51 32.47
CA ASP A 48 12.90 13.81 33.35
C ASP A 48 13.71 12.59 33.65
N ASN A 49 15.01 12.77 33.89
CA ASN A 49 15.88 11.70 34.35
C ASN A 49 15.79 10.42 33.48
N LEU A 50 15.83 10.60 32.16
CA LEU A 50 15.77 9.47 31.25
C LEU A 50 17.13 8.80 31.14
N ARG A 51 17.18 7.49 31.42
CA ARG A 51 18.48 6.78 31.47
C ARG A 51 18.63 5.60 30.50
N SER A 52 17.52 5.20 29.91
CA SER A 52 17.53 4.14 28.89
C SER A 52 16.35 4.33 27.96
N LEU A 53 16.43 3.69 26.81
CA LEU A 53 15.31 3.67 25.88
C LEU A 53 15.38 2.40 25.04
N VAL A 54 14.25 2.07 24.42
CA VAL A 54 14.13 0.84 23.65
C VAL A 54 13.74 1.17 22.19
N LEU A 55 14.39 0.47 21.26
CA LEU A 55 14.06 0.58 19.84
C LEU A 55 13.57 -0.74 19.30
N ASP A 56 12.79 -0.66 18.23
CA ASP A 56 12.39 -1.86 17.49
C ASP A 56 13.53 -2.30 16.58
N THR A 57 13.71 -3.63 16.46
CA THR A 57 14.58 -4.19 15.43
C THR A 57 13.98 -5.50 14.95
N LYS A 58 14.39 -5.96 13.76
CA LYS A 58 13.95 -7.26 13.26
C LYS A 58 15.04 -7.85 12.37
N ASP A 59 15.62 -8.96 12.82
CA ASP A 59 16.68 -9.66 12.07
C ASP A 59 17.85 -8.73 11.76
N LEU A 60 18.21 -7.89 12.73
CA LEU A 60 19.33 -6.98 12.55
C LEU A 60 20.53 -7.51 13.32
N THR A 61 21.71 -7.29 12.77
CA THR A 61 22.94 -7.57 13.49
C THR A 61 23.48 -6.22 13.97
N ILE A 62 23.57 -6.05 15.29
CA ILE A 62 24.11 -4.81 15.85
C ILE A 62 25.59 -4.99 16.14
N GLU A 63 26.40 -4.08 15.62
CA GLU A 63 27.83 -4.09 15.85
C GLU A 63 28.19 -3.30 17.10
N LYS A 64 27.58 -2.11 17.25
CA LYS A 64 27.86 -1.23 18.36
C LYS A 64 26.88 -0.05 18.38
N VAL A 65 26.88 0.65 19.51
CA VAL A 65 26.07 1.84 19.70
C VAL A 65 26.97 2.93 20.30
N VAL A 66 27.07 4.05 19.59
CA VAL A 66 27.97 5.13 19.98
C VAL A 66 27.17 6.40 20.31
N ILE A 67 27.42 6.93 21.51
CA ILE A 67 26.87 8.23 21.96
C ILE A 67 28.03 9.04 22.58
N ASN A 68 28.17 10.29 22.15
CA ASN A 68 29.26 11.18 22.59
C ASN A 68 30.63 10.56 22.30
N GLY A 69 30.77 9.91 21.14
CA GLY A 69 32.04 9.34 20.72
C GLY A 69 32.49 8.10 21.46
N GLN A 70 31.65 7.56 22.33
CA GLN A 70 31.97 6.35 23.08
C GLN A 70 30.89 5.29 22.91
N GLU A 71 31.32 4.04 22.83
CA GLU A 71 30.40 2.90 22.81
C GLU A 71 29.64 2.77 24.13
N VAL A 72 28.39 2.37 24.04
CA VAL A 72 27.55 2.24 25.23
C VAL A 72 26.93 0.86 25.29
N LYS A 73 26.43 0.49 26.46
CA LYS A 73 25.78 -0.78 26.66
C LYS A 73 24.39 -0.79 26.01
N TYR A 74 24.06 -1.94 25.41
CA TYR A 74 22.76 -2.20 24.83
C TYR A 74 22.48 -3.68 24.99
N ALA A 75 21.22 -4.06 24.83
CA ALA A 75 20.81 -5.44 24.93
C ALA A 75 19.64 -5.72 23.98
N LEU A 76 19.73 -6.84 23.27
CA LEU A 76 18.61 -7.30 22.45
C LEU A 76 17.80 -8.34 23.21
N GLY A 77 16.51 -8.07 23.35
CA GLY A 77 15.60 -8.99 23.98
C GLY A 77 15.27 -10.16 23.08
N GLU A 78 14.52 -11.11 23.63
CA GLU A 78 14.02 -12.26 22.89
C GLU A 78 13.12 -11.82 21.74
N ARG A 79 13.21 -12.52 20.63
CA ARG A 79 12.37 -12.23 19.48
C ARG A 79 10.92 -12.45 19.85
N GLN A 80 10.06 -11.52 19.44
CA GLN A 80 8.64 -11.67 19.66
C GLN A 80 7.95 -11.79 18.32
N SER A 81 8.18 -12.93 17.67
CA SER A 81 7.55 -13.27 16.41
C SER A 81 7.74 -12.14 15.38
N TYR A 82 6.65 -11.79 14.68
CA TYR A 82 6.66 -10.75 13.62
C TYR A 82 7.08 -9.33 14.11
N LYS A 83 6.96 -9.08 15.41
CA LYS A 83 7.40 -7.79 15.97
C LYS A 83 8.92 -7.60 16.03
N GLY A 84 9.68 -8.69 15.93
CA GLY A 84 11.14 -8.61 16.07
C GLY A 84 11.63 -8.63 17.51
N SER A 85 12.79 -8.02 17.74
CA SER A 85 13.43 -8.04 19.05
C SER A 85 13.65 -6.61 19.55
N PRO A 86 13.27 -6.33 20.83
CA PRO A 86 13.49 -4.99 21.38
C PRO A 86 14.96 -4.78 21.71
N MET A 87 15.44 -3.58 21.44
CA MET A 87 16.82 -3.23 21.69
C MET A 87 16.85 -2.13 22.76
N GLU A 88 17.33 -2.48 23.94
CA GLU A 88 17.43 -1.50 25.01
C GLU A 88 18.81 -0.86 24.99
N ILE A 89 18.84 0.48 24.98
CA ILE A 89 20.10 1.20 25.01
C ILE A 89 20.27 1.92 26.34
N SER A 90 21.42 1.71 26.98
CA SER A 90 21.74 2.36 28.25
C SER A 90 22.37 3.71 27.93
N LEU A 91 21.74 4.79 28.36
CA LEU A 91 22.25 6.13 28.07
C LEU A 91 23.44 6.44 29.01
N PRO A 92 24.50 7.09 28.50
CA PRO A 92 25.64 7.31 29.38
C PRO A 92 25.40 8.42 30.41
N ILE A 93 24.47 9.32 30.15
CA ILE A 93 24.14 10.43 31.06
C ILE A 93 22.63 10.61 31.06
N ALA A 94 22.04 10.69 32.25
CA ALA A 94 20.61 10.89 32.39
C ALA A 94 20.15 12.17 31.70
N LEU A 95 19.05 12.11 30.94
CA LEU A 95 18.58 13.27 30.19
C LEU A 95 17.40 13.93 30.90
N SER A 96 17.35 15.26 30.84
CA SER A 96 16.19 15.97 31.34
C SER A 96 15.18 16.10 30.20
N LYS A 97 13.96 16.54 30.54
CA LYS A 97 12.90 16.68 29.57
C LYS A 97 13.27 17.66 28.46
N ASN A 98 13.05 17.21 27.21
CA ASN A 98 13.32 17.99 25.99
C ASN A 98 14.78 18.01 25.57
N GLN A 99 15.66 17.42 26.36
CA GLN A 99 17.06 17.33 25.95
C GLN A 99 17.18 16.37 24.78
N GLU A 100 18.06 16.71 23.84
CA GLU A 100 18.27 15.89 22.65
C GLU A 100 19.68 15.33 22.61
N ILE A 101 19.81 14.09 22.16
CA ILE A 101 21.13 13.48 21.95
C ILE A 101 21.13 12.74 20.64
N VAL A 102 22.32 12.41 20.16
CA VAL A 102 22.46 11.61 18.95
C VAL A 102 23.00 10.23 19.29
N ILE A 103 22.27 9.21 18.86
CA ILE A 103 22.63 7.81 19.08
C ILE A 103 22.96 7.19 17.72
N GLU A 104 24.22 6.79 17.56
CA GLU A 104 24.69 6.21 16.31
C GLU A 104 24.83 4.69 16.43
N ILE A 105 23.99 3.97 15.67
CA ILE A 105 23.99 2.51 15.72
C ILE A 105 24.57 1.88 14.46
N SER A 106 25.61 1.09 14.65
CA SER A 106 26.22 0.30 13.58
C SER A 106 25.48 -1.02 13.48
N PHE A 107 25.00 -1.32 12.27
CA PHE A 107 24.07 -2.42 12.06
C PHE A 107 24.27 -3.04 10.70
N GLU A 108 23.74 -4.25 10.53
CA GLU A 108 23.67 -4.89 9.23
C GLU A 108 22.34 -5.66 9.17
N THR A 109 21.65 -5.59 8.02
CA THR A 109 20.40 -6.32 7.85
C THR A 109 20.64 -7.79 7.52
N SER A 110 19.61 -8.62 7.71
CA SER A 110 19.63 -10.00 7.23
C SER A 110 19.19 -10.08 5.77
N PRO A 111 19.79 -11.01 4.97
CA PRO A 111 19.27 -11.28 3.62
C PRO A 111 17.77 -11.57 3.62
N LYS A 112 17.25 -12.08 4.74
CA LYS A 112 15.83 -12.41 4.84
C LYS A 112 14.95 -11.27 5.39
N SER A 113 15.52 -10.08 5.56
CA SER A 113 14.76 -8.88 5.93
C SER A 113 13.38 -8.84 5.28
N SER A 114 12.34 -8.85 6.11
CA SER A 114 10.97 -8.80 5.62
C SER A 114 10.61 -7.46 4.92
N ALA A 115 11.44 -6.43 5.13
CA ALA A 115 11.26 -5.14 4.44
C ALA A 115 11.77 -5.16 2.99
N LEU A 116 12.63 -6.12 2.66
CA LEU A 116 13.37 -6.04 1.42
C LEU A 116 13.11 -7.21 0.46
N GLN A 117 13.15 -6.92 -0.84
CA GLN A 117 13.31 -7.97 -1.82
C GLN A 117 14.57 -7.72 -2.65
N TRP A 118 15.43 -8.72 -2.65
CA TRP A 118 16.65 -8.73 -3.44
C TRP A 118 16.40 -9.56 -4.68
N LEU A 119 16.53 -8.94 -5.84
CA LEU A 119 16.31 -9.64 -7.11
C LEU A 119 17.63 -9.87 -7.81
N THR A 120 17.76 -11.04 -8.42
CA THR A 120 18.89 -11.35 -9.29
C THR A 120 18.68 -10.66 -10.63
N PRO A 121 19.72 -10.57 -11.48
CA PRO A 121 19.58 -10.00 -12.82
C PRO A 121 18.47 -10.65 -13.63
N GLU A 122 18.30 -11.96 -13.49
CA GLU A 122 17.27 -12.67 -14.26
C GLU A 122 15.84 -12.28 -13.89
N GLN A 123 15.64 -11.76 -12.69
CA GLN A 123 14.32 -11.31 -12.24
C GLN A 123 14.00 -9.88 -12.66
N THR A 124 14.94 -9.25 -13.37
CA THR A 124 14.76 -7.86 -13.83
C THR A 124 14.40 -7.84 -15.33
N SER A 125 14.08 -6.65 -15.86
CA SER A 125 13.82 -6.46 -17.29
C SER A 125 15.08 -6.51 -18.14
N GLY A 126 16.16 -5.93 -17.63
CA GLY A 126 17.42 -5.80 -18.37
C GLY A 126 18.26 -7.06 -18.38
N LYS A 127 18.11 -7.89 -17.34
CA LYS A 127 18.78 -9.20 -17.26
C LYS A 127 20.30 -9.09 -16.99
N GLU A 128 20.81 -7.86 -16.85
CA GLU A 128 22.24 -7.64 -16.57
C GLU A 128 22.55 -7.26 -15.11
N HIS A 129 21.63 -6.58 -14.45
CA HIS A 129 21.90 -6.05 -13.11
C HIS A 129 20.90 -6.56 -12.07
N PRO A 130 21.33 -6.64 -10.80
CA PRO A 130 20.39 -6.99 -9.76
C PRO A 130 19.60 -5.73 -9.33
N TYR A 131 18.70 -5.89 -8.37
CA TYR A 131 17.73 -4.84 -8.03
C TYR A 131 17.29 -5.07 -6.59
N LEU A 132 17.15 -3.99 -5.85
CA LEU A 132 16.67 -4.05 -4.48
C LEU A 132 15.52 -3.06 -4.35
N PHE A 133 14.43 -3.46 -3.68
CA PHE A 133 13.46 -2.46 -3.24
C PHE A 133 12.93 -2.74 -1.83
N SER A 134 12.54 -1.68 -1.15
CA SER A 134 12.03 -1.80 0.19
C SER A 134 10.51 -1.62 0.22
N GLN A 135 9.90 -2.09 1.31
CA GLN A 135 8.48 -1.91 1.58
C GLN A 135 8.25 -1.92 3.11
N CYS A 136 8.24 -0.73 3.72
CA CYS A 136 8.24 -0.66 5.18
C CYS A 136 6.87 -0.73 5.84
N GLN A 137 5.81 -0.37 5.11
CA GLN A 137 4.49 -0.36 5.72
C GLN A 137 4.02 -1.80 5.92
N ALA A 138 3.52 -2.16 7.10
CA ALA A 138 3.34 -1.27 8.25
C ALA A 138 4.55 -1.22 9.18
N ILE A 139 5.04 -2.40 9.57
CA ILE A 139 6.04 -2.50 10.63
C ILE A 139 7.30 -3.25 10.19
N HIS A 140 7.80 -2.90 9.02
CA HIS A 140 9.01 -3.52 8.45
C HIS A 140 10.20 -2.60 8.44
N CYS A 141 10.01 -1.30 8.74
CA CYS A 141 11.19 -0.44 8.87
C CYS A 141 12.21 -1.01 9.89
N ARG A 142 11.72 -1.61 10.97
CA ARG A 142 12.61 -2.23 11.98
C ARG A 142 13.50 -3.33 11.40
N ALA A 143 13.08 -3.91 10.26
CA ALA A 143 13.85 -4.91 9.52
C ALA A 143 14.94 -4.27 8.61
N ILE A 144 14.98 -2.94 8.56
CA ILE A 144 16.08 -2.24 7.87
C ILE A 144 17.04 -1.55 8.84
N LEU A 145 16.48 -0.91 9.87
CA LEU A 145 17.29 -0.17 10.82
C LEU A 145 16.56 -0.03 12.17
N PRO A 146 17.34 0.09 13.27
CA PRO A 146 16.75 0.27 14.59
C PRO A 146 16.02 1.61 14.63
N CYS A 147 14.75 1.59 15.04
CA CYS A 147 13.94 2.80 15.13
C CYS A 147 12.77 2.58 16.06
N GLN A 148 12.11 3.68 16.42
CA GLN A 148 10.82 3.61 17.06
C GLN A 148 9.79 3.33 15.95
N ASP A 149 9.52 2.05 15.71
CA ASP A 149 8.77 1.65 14.52
C ASP A 149 7.26 1.82 14.71
N THR A 150 6.86 3.08 14.80
CA THR A 150 5.50 3.45 15.14
C THR A 150 5.16 4.74 14.42
N PRO A 151 3.97 4.79 13.81
CA PRO A 151 3.62 5.99 13.06
C PRO A 151 3.20 7.15 13.97
N SER A 152 3.29 6.95 15.30
CA SER A 152 3.00 8.00 16.28
C SER A 152 4.17 8.97 16.44
N VAL A 153 5.28 8.63 15.78
CA VAL A 153 6.51 9.40 15.84
C VAL A 153 6.85 9.82 14.40
N LYS A 154 7.17 11.11 14.24
CA LYS A 154 7.52 11.67 12.93
C LYS A 154 8.89 12.31 13.00
N LEU A 155 9.69 12.08 11.97
CA LEU A 155 11.08 12.50 11.95
C LEU A 155 11.45 12.94 10.55
N THR A 156 12.39 13.86 10.44
CA THR A 156 13.02 14.18 9.17
C THR A 156 14.18 13.20 8.98
N TYR A 157 14.74 13.16 7.78
CA TYR A 157 15.88 12.28 7.54
C TYR A 157 16.77 12.73 6.39
N THR A 158 18.02 12.30 6.46
CA THR A 158 19.00 12.53 5.41
C THR A 158 19.69 11.18 5.27
N ALA A 159 20.28 10.91 4.11
CA ALA A 159 20.89 9.61 3.86
C ALA A 159 21.95 9.69 2.79
N GLU A 160 22.97 8.83 2.93
CA GLU A 160 24.02 8.65 1.95
C GLU A 160 24.09 7.16 1.71
N VAL A 161 23.92 6.75 0.45
CA VAL A 161 23.78 5.33 0.12
C VAL A 161 24.82 4.93 -0.93
N SER A 162 25.74 4.07 -0.55
CA SER A 162 26.77 3.54 -1.46
C SER A 162 26.27 2.29 -2.17
N VAL A 163 26.33 2.32 -3.50
CA VAL A 163 25.85 1.26 -4.37
C VAL A 163 26.86 1.02 -5.49
N PRO A 164 26.85 -0.17 -6.13
CA PRO A 164 27.70 -0.33 -7.32
C PRO A 164 27.49 0.83 -8.31
N LYS A 165 28.59 1.35 -8.86
CA LYS A 165 28.52 2.59 -9.66
C LYS A 165 27.62 2.56 -10.90
N GLU A 166 27.38 1.38 -11.47
CA GLU A 166 26.51 1.28 -12.63
C GLU A 166 25.02 1.29 -12.27
N LEU A 167 24.73 1.32 -10.97
CA LEU A 167 23.34 1.33 -10.48
C LEU A 167 22.93 2.69 -9.91
N VAL A 168 21.61 2.87 -9.71
CA VAL A 168 21.04 4.12 -9.22
C VAL A 168 20.24 3.85 -7.94
N ALA A 169 20.51 4.67 -6.91
CA ALA A 169 19.72 4.65 -5.69
C ALA A 169 18.68 5.77 -5.73
N LEU A 170 17.47 5.48 -5.24
CA LEU A 170 16.43 6.48 -5.05
C LEU A 170 15.77 6.23 -3.70
N MET A 171 15.32 7.30 -3.05
CA MET A 171 14.64 7.20 -1.75
C MET A 171 13.40 8.10 -1.69
N SER A 172 12.63 7.97 -0.60
CA SER A 172 11.44 8.80 -0.37
C SER A 172 11.82 10.17 0.17
N ALA A 173 12.47 10.96 -0.69
CA ALA A 173 13.21 12.14 -0.28
C ALA A 173 13.64 12.90 -1.54
N ILE A 174 14.14 14.12 -1.33
CA ILE A 174 14.69 14.89 -2.46
C ILE A 174 16.13 14.44 -2.74
N ARG A 175 16.44 14.20 -4.02
CA ARG A 175 17.77 13.76 -4.41
C ARG A 175 18.75 14.88 -4.11
N ASP A 176 19.81 14.57 -3.39
CA ASP A 176 20.72 15.60 -2.91
C ASP A 176 22.12 15.46 -3.50
N GLY A 177 22.25 14.81 -4.65
CA GLY A 177 23.53 14.70 -5.35
C GLY A 177 24.14 13.30 -5.35
N GLU A 178 25.20 13.12 -6.13
CA GLU A 178 25.90 11.84 -6.21
C GLU A 178 27.40 12.07 -6.39
N THR A 179 28.21 11.17 -5.86
CA THR A 179 29.67 11.22 -6.07
C THR A 179 30.24 9.82 -6.13
N PRO A 180 31.45 9.66 -6.70
CA PRO A 180 32.13 8.37 -6.50
C PRO A 180 32.38 8.15 -5.01
N ASP A 181 32.31 6.90 -4.57
CA ASP A 181 32.62 6.54 -3.18
C ASP A 181 34.14 6.64 -2.97
N PRO A 182 34.58 7.46 -1.98
CA PRO A 182 36.02 7.60 -1.67
C PRO A 182 36.67 6.34 -1.13
N GLU A 183 35.86 5.43 -0.57
CA GLU A 183 36.37 4.19 0.01
C GLU A 183 36.35 2.98 -0.95
N ASP A 184 35.78 3.18 -2.15
CA ASP A 184 35.58 2.10 -3.12
C ASP A 184 35.15 2.68 -4.48
N PRO A 185 36.11 2.89 -5.40
CA PRO A 185 35.91 3.47 -6.73
C PRO A 185 35.01 2.66 -7.67
N SER A 186 34.62 1.47 -7.25
CA SER A 186 33.65 0.66 -8.00
C SER A 186 32.22 1.09 -7.63
N ARG A 187 32.13 2.10 -6.75
CA ARG A 187 30.86 2.47 -6.12
C ARG A 187 30.51 3.95 -6.27
N LYS A 188 29.22 4.26 -6.10
CA LYS A 188 28.72 5.64 -6.06
C LYS A 188 27.98 5.85 -4.74
N ILE A 189 28.08 7.06 -4.19
CA ILE A 189 27.25 7.43 -3.04
C ILE A 189 26.16 8.38 -3.55
N TYR A 190 24.90 8.01 -3.32
CA TYR A 190 23.78 8.87 -3.64
C TYR A 190 23.31 9.47 -2.32
N LYS A 191 22.94 10.75 -2.36
CA LYS A 191 22.50 11.46 -1.16
C LYS A 191 21.06 11.94 -1.26
N PHE A 192 20.40 12.08 -0.11
CA PHE A 192 18.95 12.34 -0.03
C PHE A 192 18.60 13.18 1.20
N ILE A 193 17.57 14.03 1.06
CA ILE A 193 17.08 14.82 2.17
C ILE A 193 15.55 14.85 2.19
N GLN A 194 15.00 14.48 3.33
CA GLN A 194 13.57 14.60 3.55
C GLN A 194 13.33 15.61 4.67
N LYS A 195 13.00 16.85 4.28
CA LYS A 195 12.83 17.98 5.20
C LYS A 195 11.48 17.99 5.92
N VAL A 196 10.54 17.18 5.45
CA VAL A 196 9.22 17.12 6.05
C VAL A 196 9.17 15.93 7.01
N PRO A 197 8.75 16.16 8.28
CA PRO A 197 8.70 15.09 9.29
C PRO A 197 7.74 13.99 8.83
N ILE A 198 8.22 12.75 8.88
CA ILE A 198 7.41 11.61 8.43
C ILE A 198 7.45 10.47 9.45
N PRO A 199 6.42 9.62 9.44
CA PRO A 199 6.51 8.37 10.21
C PRO A 199 7.49 7.45 9.48
N CYS A 200 8.20 6.61 10.23
CA CYS A 200 9.26 5.79 9.62
C CYS A 200 8.77 4.78 8.56
N TYR A 201 7.48 4.47 8.53
CA TYR A 201 6.98 3.50 7.54
C TYR A 201 7.07 4.08 6.12
N LEU A 202 7.29 5.39 6.03
CA LEU A 202 7.42 6.09 4.75
C LEU A 202 8.88 6.20 4.26
N ILE A 203 9.81 5.60 5.02
CA ILE A 203 11.21 5.52 4.57
C ILE A 203 11.27 4.45 3.49
N ALA A 204 11.82 4.81 2.33
CA ALA A 204 11.87 3.89 1.19
C ALA A 204 13.19 4.00 0.42
N LEU A 205 13.61 2.88 -0.17
CA LEU A 205 14.86 2.82 -0.91
C LEU A 205 14.72 1.85 -2.07
N VAL A 206 15.24 2.25 -3.23
CA VAL A 206 15.37 1.34 -4.38
C VAL A 206 16.77 1.49 -4.95
N VAL A 207 17.36 0.38 -5.39
CA VAL A 207 18.65 0.39 -6.08
C VAL A 207 18.54 -0.53 -7.28
N GLY A 208 18.83 0.02 -8.46
CA GLY A 208 18.73 -0.75 -9.70
C GLY A 208 19.16 0.05 -10.90
N ALA A 209 19.00 -0.56 -12.08
CA ALA A 209 19.38 0.07 -13.34
C ALA A 209 18.21 0.92 -13.81
N LEU A 210 18.09 2.09 -13.20
CA LEU A 210 16.94 2.96 -13.38
C LEU A 210 17.24 4.10 -14.33
N GLU A 211 16.26 4.39 -15.18
CA GLU A 211 16.31 5.55 -16.06
C GLU A 211 15.08 6.39 -15.75
N SER A 212 15.06 7.62 -16.25
CA SER A 212 13.94 8.52 -15.98
C SER A 212 13.54 9.33 -17.18
N ARG A 213 12.25 9.70 -17.20
CA ARG A 213 11.69 10.59 -18.17
C ARG A 213 10.75 11.58 -17.46
N GLN A 214 10.86 12.87 -17.80
CA GLN A 214 9.93 13.85 -17.24
C GLN A 214 8.56 13.72 -17.89
N ILE A 215 7.50 13.81 -17.09
CA ILE A 215 6.14 13.74 -17.63
C ILE A 215 5.23 14.89 -17.16
N GLY A 216 5.78 15.79 -16.35
CA GLY A 216 5.02 16.94 -15.83
C GLY A 216 6.02 17.90 -15.19
N PRO A 217 5.56 19.10 -14.74
CA PRO A 217 6.53 20.08 -14.21
C PRO A 217 7.20 19.64 -12.90
N ARG A 218 6.58 18.71 -12.18
CA ARG A 218 7.16 18.22 -10.94
C ARG A 218 7.22 16.69 -10.84
N THR A 219 7.26 16.02 -11.98
CA THR A 219 7.19 14.55 -11.99
C THR A 219 8.13 13.90 -13.01
N LEU A 220 9.03 13.06 -12.53
CA LEU A 220 9.75 12.14 -13.39
C LEU A 220 9.17 10.76 -13.13
N VAL A 221 9.06 9.96 -14.20
CA VAL A 221 8.81 8.55 -14.03
C VAL A 221 10.17 7.79 -14.09
N TRP A 222 10.39 6.88 -13.14
CA TRP A 222 11.60 6.05 -13.10
C TRP A 222 11.20 4.58 -13.31
N SER A 223 11.99 3.87 -14.12
CA SER A 223 11.89 2.42 -14.23
C SER A 223 13.13 1.90 -14.94
N GLU A 224 13.22 0.59 -15.14
CA GLU A 224 14.23 0.08 -16.05
C GLU A 224 13.90 0.59 -17.44
N LYS A 225 14.92 0.67 -18.29
CA LYS A 225 14.75 1.26 -19.63
C LYS A 225 13.59 0.66 -20.42
N GLU A 226 13.39 -0.66 -20.29
CA GLU A 226 12.35 -1.37 -21.05
C GLU A 226 10.92 -0.84 -20.78
N GLN A 227 10.72 -0.22 -19.61
CA GLN A 227 9.38 0.23 -19.20
C GLN A 227 9.16 1.75 -19.27
N VAL A 228 10.19 2.53 -19.56
CA VAL A 228 10.08 3.98 -19.47
C VAL A 228 8.99 4.61 -20.35
N GLU A 229 9.00 4.29 -21.65
CA GLU A 229 8.07 4.90 -22.60
C GLU A 229 6.62 4.56 -22.27
N LYS A 230 6.38 3.29 -22.00
CA LYS A 230 5.03 2.84 -21.65
C LYS A 230 4.52 3.53 -20.38
N SER A 231 5.38 3.63 -19.38
CA SER A 231 5.04 4.26 -18.10
C SER A 231 4.74 5.75 -18.26
N ALA A 232 5.56 6.41 -19.08
CA ALA A 232 5.37 7.83 -19.35
C ALA A 232 3.97 8.13 -19.89
N TYR A 233 3.50 7.28 -20.78
CA TYR A 233 2.17 7.44 -21.36
C TYR A 233 1.10 7.06 -20.35
N GLU A 234 1.30 5.91 -19.70
CA GLU A 234 0.30 5.37 -18.77
C GLU A 234 -0.08 6.36 -17.66
N PHE A 235 0.92 7.11 -17.19
CA PHE A 235 0.76 7.98 -16.03
C PHE A 235 0.76 9.47 -16.35
N SER A 236 0.50 9.80 -17.62
CA SER A 236 0.51 11.18 -18.06
C SER A 236 -0.57 12.08 -17.42
N GLU A 237 -1.60 11.50 -16.79
CA GLU A 237 -2.62 12.31 -16.08
C GLU A 237 -2.10 12.85 -14.73
N THR A 238 -0.89 12.45 -14.36
CA THR A 238 -0.36 12.72 -13.01
C THR A 238 -0.42 14.21 -12.61
N GLU A 239 0.12 15.10 -13.44
CA GLU A 239 0.05 16.54 -13.14
C GLU A 239 -1.39 17.07 -12.94
N SER A 240 -2.32 16.69 -13.82
CA SER A 240 -3.72 17.09 -13.67
C SER A 240 -4.33 16.62 -12.36
N MET A 241 -4.01 15.39 -11.97
CA MET A 241 -4.48 14.87 -10.68
C MET A 241 -3.85 15.62 -9.51
N LEU A 242 -2.57 15.97 -9.62
CA LEU A 242 -1.91 16.77 -8.59
C LEU A 242 -2.60 18.10 -8.38
N LYS A 243 -2.98 18.76 -9.49
CA LYS A 243 -3.61 20.07 -9.38
C LYS A 243 -4.99 19.98 -8.70
N ILE A 244 -5.78 18.96 -9.06
CA ILE A 244 -7.08 18.73 -8.42
C ILE A 244 -6.86 18.41 -6.93
N ALA A 245 -5.92 17.52 -6.64
CA ALA A 245 -5.62 17.15 -5.26
C ALA A 245 -5.24 18.37 -4.40
N GLU A 246 -4.45 19.28 -4.98
CA GLU A 246 -4.07 20.51 -4.30
C GLU A 246 -5.27 21.40 -4.02
N ASP A 247 -6.21 21.46 -4.96
CA ASP A 247 -7.43 22.22 -4.78
C ASP A 247 -8.29 21.67 -3.64
N LEU A 248 -8.34 20.34 -3.50
CA LEU A 248 -9.15 19.71 -2.47
C LEU A 248 -8.43 19.67 -1.13
N GLY A 249 -7.12 19.46 -1.16
CA GLY A 249 -6.40 19.18 0.09
C GLY A 249 -5.56 20.32 0.61
N GLY A 250 -5.31 21.31 -0.24
CA GLY A 250 -4.38 22.38 0.09
C GLY A 250 -3.03 22.11 -0.56
N PRO A 251 -2.05 22.96 -0.27
CA PRO A 251 -0.73 22.94 -0.90
C PRO A 251 -0.04 21.58 -0.84
N TYR A 252 0.55 21.17 -1.94
CA TYR A 252 1.42 20.01 -1.99
C TYR A 252 2.75 20.43 -1.39
N VAL A 253 3.12 19.87 -0.24
CA VAL A 253 4.27 20.38 0.52
C VAL A 253 5.59 19.64 0.25
N TRP A 254 5.55 18.62 -0.61
CA TRP A 254 6.68 17.67 -0.70
C TRP A 254 7.74 17.99 -1.77
N GLY A 255 7.53 19.06 -2.53
CA GLY A 255 8.46 19.44 -3.60
C GLY A 255 8.16 18.68 -4.89
N GLN A 256 8.80 17.52 -5.07
CA GLN A 256 8.53 16.71 -6.26
C GLN A 256 7.48 15.63 -6.02
N TYR A 257 6.84 15.20 -7.10
CA TYR A 257 6.02 14.01 -7.10
C TYR A 257 6.50 13.09 -8.22
N ASP A 258 7.49 12.26 -7.90
CA ASP A 258 7.99 11.29 -8.88
C ASP A 258 7.27 9.97 -8.74
N LEU A 259 7.36 9.15 -9.78
CA LEU A 259 6.81 7.82 -9.78
C LEU A 259 7.91 6.81 -10.07
N LEU A 260 7.89 5.68 -9.34
CA LEU A 260 8.78 4.57 -9.62
C LEU A 260 7.92 3.36 -10.00
N VAL A 261 8.20 2.77 -11.16
CA VAL A 261 7.47 1.59 -11.61
C VAL A 261 8.35 0.39 -11.32
N LEU A 262 7.92 -0.42 -10.37
CA LEU A 262 8.76 -1.52 -9.89
C LEU A 262 8.70 -2.73 -10.78
N PRO A 263 9.59 -3.72 -10.53
CA PRO A 263 9.51 -5.01 -11.20
C PRO A 263 8.20 -5.67 -10.73
N PRO A 264 7.78 -6.77 -11.39
CA PRO A 264 6.42 -7.31 -11.19
C PRO A 264 6.11 -7.88 -9.81
N SER A 265 7.14 -8.18 -9.01
CA SER A 265 6.92 -8.77 -7.68
C SER A 265 6.55 -7.75 -6.57
N PHE A 266 6.47 -6.46 -6.92
CA PHE A 266 6.06 -5.48 -5.93
C PHE A 266 4.69 -5.87 -5.39
N PRO A 267 4.54 -5.96 -4.05
CA PRO A 267 3.34 -6.62 -3.51
C PRO A 267 2.04 -5.81 -3.54
N TYR A 268 2.11 -4.51 -3.81
CA TYR A 268 0.89 -3.67 -3.79
C TYR A 268 0.67 -2.89 -5.09
N GLY A 269 -0.52 -2.31 -5.23
CA GLY A 269 -0.81 -1.46 -6.37
C GLY A 269 0.11 -0.27 -6.36
N GLY A 270 0.29 0.30 -5.16
CA GLY A 270 1.17 1.44 -4.97
C GLY A 270 1.53 1.63 -3.51
N MET A 271 2.57 2.40 -3.26
CA MET A 271 2.99 2.78 -1.92
C MET A 271 3.36 4.27 -1.95
N GLU A 272 2.67 5.06 -1.11
CA GLU A 272 2.75 6.53 -1.14
C GLU A 272 4.04 7.12 -0.55
N ASN A 273 5.18 6.51 -0.86
CA ASN A 273 6.46 6.99 -0.31
C ASN A 273 6.64 8.45 -0.74
N PRO A 274 6.91 9.33 0.22
CA PRO A 274 6.93 10.77 -0.10
C PRO A 274 8.02 11.11 -1.13
N CYS A 275 7.66 11.97 -2.09
CA CYS A 275 8.53 12.37 -3.20
C CYS A 275 8.66 11.34 -4.33
N LEU A 276 8.34 10.08 -4.03
CA LEU A 276 8.57 8.96 -4.95
C LEU A 276 7.54 7.84 -4.68
N THR A 277 6.34 7.97 -5.23
CA THR A 277 5.35 6.91 -5.14
C THR A 277 5.84 5.67 -5.88
N PHE A 278 5.73 4.50 -5.26
CA PHE A 278 6.04 3.21 -5.90
C PHE A 278 4.76 2.63 -6.50
N VAL A 279 4.81 2.13 -7.73
CA VAL A 279 3.64 1.48 -8.33
C VAL A 279 4.02 0.13 -8.96
N THR A 280 3.05 -0.79 -8.96
CA THR A 280 3.13 -2.06 -9.68
C THR A 280 3.17 -1.84 -11.19
N PRO A 281 3.94 -2.66 -11.94
CA PRO A 281 3.80 -2.61 -13.39
C PRO A 281 2.48 -3.22 -13.92
N THR A 282 1.69 -3.86 -13.05
CA THR A 282 0.36 -4.31 -13.46
C THR A 282 -0.61 -3.14 -13.77
N LEU A 283 -0.19 -1.90 -13.55
CA LEU A 283 -1.01 -0.74 -13.96
C LEU A 283 -0.84 -0.40 -15.44
N LEU A 284 0.14 -1.00 -16.10
CA LEU A 284 0.50 -0.63 -17.48
C LEU A 284 -0.47 -1.26 -18.49
N ALA A 285 -1.71 -0.80 -18.46
CA ALA A 285 -2.77 -1.38 -19.29
C ALA A 285 -2.68 -0.94 -20.76
N GLY A 286 -1.98 0.17 -21.01
CA GLY A 286 -1.82 0.70 -22.36
C GLY A 286 -2.79 1.83 -22.66
N ASP A 287 -3.74 2.06 -21.75
CA ASP A 287 -4.79 3.04 -22.00
C ASP A 287 -5.10 3.95 -20.81
N LYS A 288 -4.25 3.94 -19.78
CA LYS A 288 -4.46 4.79 -18.58
C LYS A 288 -5.69 4.40 -17.76
N SER A 289 -6.27 3.23 -18.03
CA SER A 289 -7.53 2.85 -17.37
C SER A 289 -7.41 2.55 -15.88
N LEU A 290 -6.21 2.29 -15.38
CA LEU A 290 -6.01 1.98 -13.96
C LEU A 290 -5.41 3.16 -13.18
N SER A 291 -5.58 4.37 -13.73
CA SER A 291 -4.98 5.56 -13.14
C SER A 291 -5.60 5.97 -11.80
N ASN A 292 -6.71 5.35 -11.39
CA ASN A 292 -7.25 5.68 -10.06
C ASN A 292 -6.20 5.37 -8.97
N VAL A 293 -5.31 4.45 -9.27
CA VAL A 293 -4.27 4.03 -8.33
C VAL A 293 -3.28 5.19 -8.17
N ILE A 294 -2.99 5.89 -9.26
CA ILE A 294 -2.15 7.10 -9.17
C ILE A 294 -2.88 8.17 -8.35
N ALA A 295 -4.17 8.36 -8.65
CA ALA A 295 -4.97 9.35 -7.92
C ALA A 295 -4.94 9.06 -6.41
N HIS A 296 -4.99 7.76 -6.07
CA HIS A 296 -4.93 7.28 -4.69
C HIS A 296 -3.59 7.59 -4.03
N GLU A 297 -2.49 7.23 -4.71
CA GLU A 297 -1.18 7.53 -4.14
C GLU A 297 -0.95 9.04 -3.99
N ILE A 298 -1.36 9.79 -5.00
CA ILE A 298 -1.33 11.26 -4.93
C ILE A 298 -2.06 11.74 -3.68
N SER A 299 -3.26 11.21 -3.44
CA SER A 299 -4.10 11.67 -2.30
C SER A 299 -3.41 11.47 -0.97
N HIS A 300 -2.60 10.40 -0.87
CA HIS A 300 -1.89 10.08 0.36
C HIS A 300 -0.93 11.20 0.77
N SER A 301 -0.57 12.06 -0.19
CA SER A 301 0.32 13.20 0.09
C SER A 301 -0.30 14.17 1.11
N TRP A 302 -1.62 14.04 1.28
CA TRP A 302 -2.36 14.72 2.33
C TRP A 302 -2.82 13.73 3.39
N THR A 303 -3.65 12.78 2.99
CA THR A 303 -4.29 11.88 3.93
C THR A 303 -3.44 10.62 4.12
N GLY A 304 -2.67 10.61 5.21
CA GLY A 304 -1.73 9.53 5.47
C GLY A 304 -0.34 10.09 5.74
N ASN A 305 0.17 10.86 4.78
CA ASN A 305 1.53 11.42 4.86
C ASN A 305 1.62 12.75 5.64
N LEU A 306 0.59 13.57 5.54
CA LEU A 306 0.46 14.78 6.40
C LEU A 306 -0.31 14.47 7.68
N VAL A 307 -1.55 14.02 7.52
CA VAL A 307 -2.36 13.53 8.64
C VAL A 307 -2.15 12.02 8.69
N THR A 308 -1.60 11.53 9.78
CA THR A 308 -1.19 10.10 9.87
C THR A 308 -1.91 9.38 10.98
N ASN A 309 -2.30 8.12 10.75
CA ASN A 309 -2.81 7.26 11.84
C ASN A 309 -1.78 7.10 12.97
N LYS A 310 -2.21 7.35 14.20
CA LYS A 310 -1.36 7.25 15.40
C LYS A 310 -0.87 5.83 15.66
N THR A 311 -1.75 4.87 15.48
CA THR A 311 -1.37 3.46 15.46
C THR A 311 -2.10 2.78 14.31
N TRP A 312 -1.74 1.53 14.05
CA TRP A 312 -2.32 0.78 12.95
C TRP A 312 -3.78 0.34 13.19
N ASP A 313 -4.23 0.35 14.45
CA ASP A 313 -5.64 0.16 14.76
C ASP A 313 -6.51 1.18 14.02
N HIS A 314 -5.95 2.35 13.74
CA HIS A 314 -6.69 3.47 13.13
C HIS A 314 -6.34 3.69 11.66
N PHE A 315 -5.80 2.64 11.03
CA PHE A 315 -5.45 2.61 9.60
C PHE A 315 -6.57 3.09 8.68
N TRP A 316 -7.83 2.82 9.03
CA TRP A 316 -8.96 3.35 8.22
C TRP A 316 -8.85 4.87 7.99
N LEU A 317 -8.30 5.59 8.97
CA LEU A 317 -8.12 7.04 8.81
C LEU A 317 -7.29 7.36 7.56
N ASN A 318 -6.13 6.71 7.45
CA ASN A 318 -5.29 6.80 6.24
C ASN A 318 -6.06 6.43 5.00
N GLU A 319 -6.64 5.23 5.01
CA GLU A 319 -7.17 4.65 3.76
C GLU A 319 -8.54 5.15 3.34
N GLY A 320 -9.47 5.24 4.29
CA GLY A 320 -10.80 5.80 4.01
C GLY A 320 -10.78 7.19 3.40
N HIS A 321 -10.05 8.11 4.03
CA HIS A 321 -9.95 9.48 3.50
C HIS A 321 -9.21 9.55 2.16
N THR A 322 -8.22 8.68 1.98
CA THR A 322 -7.49 8.61 0.71
C THR A 322 -8.38 8.12 -0.44
N VAL A 323 -9.15 7.05 -0.22
CA VAL A 323 -10.09 6.55 -1.24
C VAL A 323 -11.18 7.60 -1.50
N TYR A 324 -11.61 8.28 -0.44
CA TYR A 324 -12.56 9.38 -0.59
C TYR A 324 -12.02 10.48 -1.54
N LEU A 325 -10.79 10.96 -1.30
CA LEU A 325 -10.16 11.95 -2.18
C LEU A 325 -9.88 11.42 -3.60
N GLU A 326 -9.40 10.18 -3.63
CA GLU A 326 -9.12 9.47 -4.88
C GLU A 326 -10.35 9.54 -5.77
N ARG A 327 -11.49 9.15 -5.24
CA ARG A 327 -12.72 9.09 -6.04
C ARG A 327 -13.22 10.47 -6.43
N HIS A 328 -12.92 11.48 -5.62
CA HIS A 328 -13.19 12.88 -5.99
C HIS A 328 -12.34 13.38 -7.16
N ILE A 329 -11.06 13.02 -7.17
CA ILE A 329 -10.15 13.37 -8.27
C ILE A 329 -10.67 12.78 -9.58
N CYS A 330 -11.00 11.47 -9.54
CA CYS A 330 -11.50 10.80 -10.72
C CYS A 330 -12.87 11.33 -11.14
N GLY A 331 -13.72 11.68 -10.18
CA GLY A 331 -15.01 12.33 -10.50
C GLY A 331 -14.81 13.69 -11.16
N ARG A 332 -13.81 14.44 -10.71
CA ARG A 332 -13.52 15.72 -11.32
C ARG A 332 -13.05 15.52 -12.77
N LEU A 333 -12.16 14.56 -12.98
CA LEU A 333 -11.68 14.22 -14.32
C LEU A 333 -12.73 13.64 -15.26
N PHE A 334 -13.55 12.73 -14.74
CA PHE A 334 -14.41 11.96 -15.62
C PHE A 334 -15.90 12.07 -15.35
N GLY A 335 -16.27 12.70 -14.24
CA GLY A 335 -17.67 13.04 -13.98
C GLY A 335 -18.21 12.44 -12.70
N GLU A 336 -19.25 13.08 -12.17
CA GLU A 336 -19.85 12.68 -10.90
C GLU A 336 -20.48 11.28 -11.03
N LYS A 337 -21.08 10.99 -12.18
CA LYS A 337 -21.59 9.65 -12.46
C LYS A 337 -20.51 8.56 -12.35
N PHE A 338 -19.30 8.88 -12.78
CA PHE A 338 -18.18 7.94 -12.67
C PHE A 338 -17.73 7.77 -11.21
N ARG A 339 -17.63 8.88 -10.47
CA ARG A 339 -17.39 8.79 -9.01
C ARG A 339 -18.40 7.86 -8.31
N HIS A 340 -19.68 8.02 -8.62
CA HIS A 340 -20.73 7.13 -8.09
C HIS A 340 -20.53 5.64 -8.49
N PHE A 341 -20.23 5.42 -9.77
CA PHE A 341 -19.94 4.08 -10.28
C PHE A 341 -18.81 3.40 -9.48
N ASN A 342 -17.73 4.15 -9.26
CA ASN A 342 -16.56 3.65 -8.53
C ASN A 342 -16.84 3.43 -7.07
N ALA A 343 -17.57 4.35 -6.47
CA ALA A 343 -18.05 4.21 -5.10
C ALA A 343 -18.87 2.94 -4.93
N LEU A 344 -19.77 2.64 -5.89
CA LEU A 344 -20.65 1.47 -5.74
C LEU A 344 -19.87 0.17 -5.94
N GLY A 345 -18.93 0.19 -6.89
CA GLY A 345 -17.94 -0.87 -7.03
C GLY A 345 -17.21 -1.17 -5.73
N GLY A 346 -16.78 -0.10 -5.05
CA GLY A 346 -16.16 -0.19 -3.73
C GLY A 346 -17.02 -0.91 -2.70
N TRP A 347 -18.32 -0.61 -2.68
CA TRP A 347 -19.24 -1.32 -1.80
C TRP A 347 -19.28 -2.81 -2.12
N GLY A 348 -19.27 -3.15 -3.40
CA GLY A 348 -19.20 -4.54 -3.85
C GLY A 348 -17.95 -5.24 -3.34
N GLU A 349 -16.82 -4.55 -3.38
CA GLU A 349 -15.56 -5.10 -2.88
C GLU A 349 -15.63 -5.31 -1.37
N LEU A 350 -16.31 -4.40 -0.67
CA LEU A 350 -16.57 -4.56 0.76
C LEU A 350 -17.47 -5.77 1.07
N GLN A 351 -18.49 -5.99 0.25
CA GLN A 351 -19.37 -7.16 0.39
C GLN A 351 -18.52 -8.42 0.30
N ASN A 352 -17.65 -8.46 -0.71
CA ASN A 352 -16.74 -9.58 -0.90
C ASN A 352 -15.86 -9.86 0.31
N SER A 353 -15.17 -8.83 0.83
CA SER A 353 -14.30 -8.97 2.00
C SER A 353 -15.02 -9.50 3.22
N VAL A 354 -16.18 -8.91 3.51
CA VAL A 354 -16.97 -9.26 4.69
C VAL A 354 -17.38 -10.71 4.55
N LYS A 355 -17.87 -11.07 3.36
CA LYS A 355 -18.25 -12.44 3.03
C LYS A 355 -17.08 -13.40 3.22
N THR A 356 -15.91 -13.01 2.72
CA THR A 356 -14.70 -13.81 2.85
C THR A 356 -14.31 -14.03 4.32
N PHE A 357 -14.23 -12.94 5.10
CA PHE A 357 -13.84 -13.04 6.49
C PHE A 357 -14.92 -13.70 7.33
N GLY A 358 -16.17 -13.43 7.00
CA GLY A 358 -17.29 -13.81 7.86
C GLY A 358 -17.81 -12.55 8.54
N GLU A 359 -19.12 -12.42 8.61
CA GLU A 359 -19.73 -11.16 9.04
C GLU A 359 -19.50 -10.78 10.50
N THR A 360 -19.01 -11.71 11.32
CA THR A 360 -18.73 -11.43 12.72
C THR A 360 -17.24 -11.30 12.99
N HIS A 361 -16.41 -11.39 11.94
CA HIS A 361 -14.96 -11.40 12.10
C HIS A 361 -14.40 -10.06 12.59
N PRO A 362 -13.46 -10.09 13.56
CA PRO A 362 -12.87 -8.84 14.10
C PRO A 362 -12.21 -7.91 13.07
N PHE A 363 -11.62 -8.46 12.00
CA PHE A 363 -11.02 -7.66 10.93
C PHE A 363 -12.03 -6.91 10.05
N THR A 364 -13.33 -7.10 10.28
CA THR A 364 -14.34 -6.36 9.50
C THR A 364 -14.85 -5.14 10.27
N LYS A 365 -14.34 -4.95 11.48
CA LYS A 365 -14.52 -3.72 12.21
C LYS A 365 -13.71 -2.62 11.52
N LEU A 366 -14.21 -1.40 11.57
CA LEU A 366 -13.49 -0.27 10.99
C LEU A 366 -12.22 0.02 11.80
N VAL A 367 -12.41 0.17 13.11
CA VAL A 367 -11.30 0.30 14.05
C VAL A 367 -11.01 -1.11 14.54
N VAL A 368 -9.76 -1.54 14.42
CA VAL A 368 -9.41 -2.89 14.84
C VAL A 368 -8.50 -2.87 16.07
N ASP A 369 -8.36 -4.04 16.70
CA ASP A 369 -7.43 -4.20 17.79
C ASP A 369 -6.36 -5.17 17.31
N LEU A 370 -5.18 -4.63 17.01
CA LEU A 370 -4.10 -5.44 16.46
C LEU A 370 -3.18 -6.10 17.50
N THR A 371 -3.59 -6.12 18.78
CA THR A 371 -2.83 -6.82 19.82
C THR A 371 -2.60 -8.27 19.40
N ASP A 372 -1.34 -8.66 19.30
CA ASP A 372 -0.94 -10.02 18.92
C ASP A 372 -1.39 -10.43 17.51
N ILE A 373 -1.69 -9.45 16.67
CA ILE A 373 -2.04 -9.70 15.27
C ILE A 373 -0.96 -9.07 14.39
N ASP A 374 -0.39 -9.87 13.48
CA ASP A 374 0.49 -9.35 12.43
C ASP A 374 -0.38 -8.49 11.48
N PRO A 375 -0.06 -7.18 11.36
CA PRO A 375 -0.81 -6.31 10.46
C PRO A 375 -0.94 -6.85 9.02
N ASP A 376 0.07 -7.57 8.54
CA ASP A 376 0.08 -8.16 7.19
C ASP A 376 -1.00 -9.22 6.99
N VAL A 377 -1.30 -9.93 8.08
CA VAL A 377 -2.32 -10.98 8.09
C VAL A 377 -3.72 -10.35 8.13
N ALA A 378 -3.81 -9.21 8.82
CA ALA A 378 -5.05 -8.47 9.01
C ALA A 378 -5.45 -7.59 7.82
N TYR A 379 -4.46 -7.18 7.03
CA TYR A 379 -4.65 -6.31 5.86
C TYR A 379 -5.76 -6.79 4.93
N SER A 380 -6.67 -5.88 4.56
CA SER A 380 -7.76 -6.18 3.61
C SER A 380 -8.33 -4.89 3.02
N SER A 381 -9.37 -5.02 2.20
CA SER A 381 -10.14 -3.89 1.67
C SER A 381 -10.99 -3.17 2.72
N VAL A 382 -11.14 -3.76 3.90
CA VAL A 382 -12.09 -3.22 4.89
C VAL A 382 -11.82 -1.77 5.29
N PRO A 383 -10.59 -1.45 5.76
CA PRO A 383 -10.34 -0.05 6.13
C PRO A 383 -10.51 0.91 4.96
N TYR A 384 -10.20 0.44 3.75
CA TYR A 384 -10.41 1.19 2.51
C TYR A 384 -11.90 1.46 2.25
N GLU A 385 -12.69 0.39 2.17
CA GLU A 385 -14.07 0.50 1.66
C GLU A 385 -15.12 0.76 2.74
N LYS A 386 -14.95 0.17 3.91
CA LYS A 386 -15.80 0.55 5.03
C LYS A 386 -15.51 1.99 5.44
N GLY A 387 -14.22 2.34 5.45
CA GLY A 387 -13.82 3.73 5.71
C GLY A 387 -14.42 4.70 4.71
N PHE A 388 -14.33 4.35 3.42
CA PHE A 388 -14.90 5.22 2.40
C PHE A 388 -16.41 5.31 2.56
N ALA A 389 -17.06 4.17 2.86
CA ALA A 389 -18.52 4.11 2.96
C ALA A 389 -19.03 5.04 4.05
N LEU A 390 -18.34 5.05 5.19
CA LEU A 390 -18.63 5.99 6.27
C LEU A 390 -18.57 7.45 5.83
N LEU A 391 -17.49 7.80 5.13
CA LEU A 391 -17.33 9.16 4.61
C LEU A 391 -18.37 9.57 3.56
N PHE A 392 -18.67 8.65 2.65
CA PHE A 392 -19.69 8.87 1.63
C PHE A 392 -21.08 9.03 2.27
N TYR A 393 -21.40 8.17 3.23
CA TYR A 393 -22.63 8.29 4.01
C TYR A 393 -22.73 9.64 4.74
N LEU A 394 -21.66 10.03 5.45
CA LEU A 394 -21.58 11.34 6.11
C LEU A 394 -21.72 12.52 5.14
N GLU A 395 -21.02 12.44 4.01
CA GLU A 395 -21.19 13.39 2.91
C GLU A 395 -22.69 13.63 2.57
N GLN A 396 -23.42 12.55 2.35
CA GLN A 396 -24.83 12.60 2.01
C GLN A 396 -25.70 13.09 3.17
N LEU A 397 -25.27 12.80 4.40
CA LEU A 397 -25.98 13.23 5.61
C LEU A 397 -25.84 14.74 5.83
N LEU A 398 -24.65 15.26 5.53
CA LEU A 398 -24.28 16.59 5.95
C LEU A 398 -24.41 17.68 4.88
N GLY A 399 -24.99 17.32 3.74
CA GLY A 399 -25.32 18.34 2.73
C GLY A 399 -24.60 18.25 1.40
N GLY A 400 -23.84 17.17 1.19
CA GLY A 400 -23.25 16.92 -0.14
C GLY A 400 -21.74 17.04 -0.26
N PRO A 401 -21.21 16.76 -1.47
CA PRO A 401 -19.77 16.73 -1.68
C PRO A 401 -19.06 18.08 -1.46
N GLU A 402 -19.67 19.19 -1.86
CA GLU A 402 -19.04 20.51 -1.69
C GLU A 402 -18.82 20.82 -0.23
N ILE A 403 -19.85 20.56 0.58
CA ILE A 403 -19.78 20.75 2.03
C ILE A 403 -18.77 19.80 2.69
N PHE A 404 -18.85 18.52 2.34
CA PHE A 404 -17.96 17.57 3.00
C PHE A 404 -16.50 17.79 2.58
N LEU A 405 -16.27 18.27 1.37
CA LEU A 405 -14.91 18.62 0.93
C LEU A 405 -14.33 19.82 1.69
N GLY A 406 -15.21 20.68 2.19
CA GLY A 406 -14.80 21.76 3.10
C GLY A 406 -14.27 21.19 4.40
N PHE A 407 -14.95 20.18 4.91
CA PHE A 407 -14.49 19.47 6.10
C PHE A 407 -13.14 18.78 5.90
N LEU A 408 -12.99 18.06 4.79
CA LEU A 408 -11.76 17.34 4.48
C LEU A 408 -10.55 18.29 4.41
N LYS A 409 -10.72 19.46 3.80
CA LYS A 409 -9.62 20.42 3.73
C LYS A 409 -9.24 20.98 5.10
N ALA A 410 -10.26 21.30 5.91
CA ALA A 410 -10.06 21.81 7.26
C ALA A 410 -9.43 20.73 8.16
N TYR A 411 -9.85 19.49 7.95
CA TYR A 411 -9.27 18.33 8.62
C TYR A 411 -7.77 18.15 8.31
N VAL A 412 -7.40 18.25 7.03
CA VAL A 412 -5.99 18.14 6.63
C VAL A 412 -5.19 19.26 7.29
N GLU A 413 -5.70 20.48 7.14
CA GLU A 413 -5.09 21.67 7.72
C GLU A 413 -4.87 21.47 9.22
N LYS A 414 -5.94 21.08 9.93
CA LYS A 414 -5.92 20.95 11.37
C LYS A 414 -4.87 19.95 11.88
N PHE A 415 -4.72 18.82 11.18
CA PHE A 415 -3.90 17.73 11.67
C PHE A 415 -2.61 17.48 10.86
N SER A 416 -2.22 18.43 10.03
CA SER A 416 -0.97 18.29 9.27
C SER A 416 0.23 18.10 10.18
N TYR A 417 1.12 17.20 9.79
CA TYR A 417 2.35 16.89 10.55
C TYR A 417 2.04 16.21 11.88
N LYS A 418 0.82 15.73 12.04
CA LYS A 418 0.42 15.11 13.29
C LYS A 418 -0.02 13.66 13.08
N SER A 419 -0.08 12.91 14.18
CA SER A 419 -0.57 11.54 14.18
C SER A 419 -1.79 11.46 15.11
N ILE A 420 -2.88 10.90 14.59
CA ILE A 420 -4.18 11.00 15.25
C ILE A 420 -4.93 9.68 15.36
N THR A 421 -5.93 9.67 16.24
CA THR A 421 -6.80 8.51 16.43
C THR A 421 -8.19 8.81 15.84
N THR A 422 -9.03 7.78 15.78
CA THR A 422 -10.43 7.89 15.39
C THR A 422 -11.17 8.96 16.24
N ASP A 423 -10.88 9.02 17.54
CA ASP A 423 -11.51 10.01 18.43
C ASP A 423 -11.11 11.44 18.10
N ASP A 424 -9.84 11.64 17.75
CA ASP A 424 -9.34 12.92 17.23
C ASP A 424 -10.14 13.36 16.02
N TRP A 425 -10.29 12.43 15.07
CA TRP A 425 -11.10 12.66 13.86
C TRP A 425 -12.55 12.99 14.20
N LYS A 426 -13.17 12.19 15.05
CA LYS A 426 -14.59 12.34 15.38
C LYS A 426 -14.85 13.65 16.13
N ASP A 427 -13.96 13.98 17.06
CA ASP A 427 -14.00 15.23 17.80
C ASP A 427 -13.96 16.44 16.87
N PHE A 428 -13.05 16.41 15.89
CA PHE A 428 -12.98 17.46 14.89
C PHE A 428 -14.19 17.50 13.96
N LEU A 429 -14.72 16.34 13.57
CA LEU A 429 -15.94 16.30 12.77
C LEU A 429 -17.10 17.04 13.49
N TYR A 430 -17.23 16.77 14.78
CA TYR A 430 -18.25 17.43 15.60
C TYR A 430 -18.00 18.93 15.75
N SER A 431 -16.74 19.30 15.96
CA SER A 431 -16.36 20.72 16.02
C SER A 431 -16.66 21.44 14.70
N TYR A 432 -16.19 20.88 13.60
CA TYR A 432 -16.40 21.49 12.29
C TYR A 432 -17.88 21.62 11.92
N PHE A 433 -18.66 20.58 12.19
CA PHE A 433 -20.08 20.55 11.87
C PHE A 433 -20.94 20.81 13.11
N LYS A 434 -20.47 21.71 13.98
CA LYS A 434 -21.18 21.95 15.25
C LYS A 434 -22.63 22.43 15.08
N ASP A 435 -22.92 23.07 13.94
CA ASP A 435 -24.31 23.45 13.61
C ASP A 435 -25.14 22.28 13.07
N LYS A 436 -24.54 21.10 13.00
CA LYS A 436 -25.21 19.91 12.49
C LYS A 436 -25.04 18.70 13.42
N VAL A 437 -24.78 18.98 14.70
CA VAL A 437 -24.59 17.93 15.72
C VAL A 437 -25.84 17.04 15.84
N ASP A 438 -27.03 17.62 15.71
CA ASP A 438 -28.28 16.86 15.75
C ASP A 438 -28.30 15.75 14.70
N VAL A 439 -27.84 16.07 13.50
CA VAL A 439 -27.71 15.15 12.39
C VAL A 439 -26.59 14.13 12.65
N LEU A 440 -25.44 14.61 13.16
CA LEU A 440 -24.32 13.75 13.57
C LEU A 440 -24.70 12.75 14.65
N ASN A 441 -25.54 13.20 15.59
CA ASN A 441 -26.05 12.30 16.64
C ASN A 441 -27.01 11.22 16.15
N GLN A 442 -27.42 11.29 14.90
CA GLN A 442 -28.23 10.23 14.30
C GLN A 442 -27.39 9.03 13.84
N VAL A 443 -26.09 9.25 13.61
CA VAL A 443 -25.18 8.18 13.17
C VAL A 443 -25.00 7.15 14.27
N ASP A 444 -25.03 5.87 13.90
CA ASP A 444 -24.77 4.81 14.86
C ASP A 444 -23.28 4.61 14.95
N TRP A 445 -22.63 5.44 15.77
CA TRP A 445 -21.18 5.47 15.87
C TRP A 445 -20.61 4.14 16.30
N ASN A 446 -21.25 3.52 17.31
CA ASN A 446 -20.77 2.25 17.79
C ASN A 446 -20.72 1.18 16.71
N ALA A 447 -21.76 1.12 15.88
CA ALA A 447 -21.84 0.15 14.78
C ALA A 447 -20.81 0.46 13.69
N TRP A 448 -20.84 1.67 13.16
CA TRP A 448 -19.91 2.08 12.10
C TRP A 448 -18.43 1.86 12.47
N LEU A 449 -18.04 2.27 13.67
CA LEU A 449 -16.63 2.25 14.08
C LEU A 449 -16.17 0.94 14.68
N TYR A 450 -17.06 0.26 15.41
CA TYR A 450 -16.63 -0.80 16.32
C TYR A 450 -17.25 -2.18 16.11
N SER A 451 -18.30 -2.25 15.28
CA SER A 451 -19.00 -3.50 15.01
C SER A 451 -18.52 -4.19 13.73
N PRO A 452 -18.51 -5.53 13.72
CA PRO A 452 -18.15 -6.26 12.50
C PRO A 452 -19.24 -6.22 11.42
N GLY A 453 -18.90 -6.69 10.23
CA GLY A 453 -19.86 -6.87 9.14
C GLY A 453 -20.10 -5.64 8.29
N LEU A 454 -21.08 -5.72 7.39
CA LEU A 454 -21.47 -4.59 6.57
C LEU A 454 -21.96 -3.44 7.45
N PRO A 455 -21.72 -2.19 7.02
CA PRO A 455 -22.18 -1.01 7.76
C PRO A 455 -23.68 -1.07 8.08
N PRO A 456 -24.15 -0.34 9.11
CA PRO A 456 -25.59 -0.37 9.41
C PRO A 456 -26.45 0.31 8.34
N ILE A 457 -25.85 1.21 7.55
CA ILE A 457 -26.57 1.97 6.52
C ILE A 457 -25.75 1.98 5.24
N LYS A 458 -26.40 1.73 4.12
CA LYS A 458 -25.76 1.82 2.81
C LYS A 458 -26.06 3.19 2.19
N PRO A 459 -25.01 3.88 1.69
CA PRO A 459 -25.21 5.17 1.02
C PRO A 459 -26.09 5.07 -0.24
N ASN A 460 -26.50 6.22 -0.76
CA ASN A 460 -27.23 6.29 -2.03
C ASN A 460 -26.26 6.40 -3.21
N TYR A 461 -26.46 5.58 -4.24
CA TYR A 461 -25.55 5.56 -5.39
C TYR A 461 -26.31 5.78 -6.69
N ASP A 462 -25.91 6.78 -7.47
CA ASP A 462 -26.32 6.89 -8.87
C ASP A 462 -26.02 5.55 -9.56
N MET A 463 -26.96 5.09 -10.36
CA MET A 463 -26.88 3.78 -10.99
C MET A 463 -26.51 3.83 -12.47
N THR A 464 -26.43 5.02 -13.06
CA THR A 464 -26.38 5.18 -14.54
C THR A 464 -25.39 4.25 -15.24
N LEU A 465 -24.13 4.26 -14.80
CA LEU A 465 -23.07 3.49 -15.47
C LEU A 465 -23.06 2.04 -15.01
N THR A 466 -23.68 1.76 -13.87
CA THR A 466 -23.70 0.42 -13.32
C THR A 466 -24.78 -0.46 -13.99
N ASN A 467 -25.90 0.15 -14.36
CA ASN A 467 -27.07 -0.61 -14.89
C ASN A 467 -26.75 -1.63 -15.97
N ALA A 468 -26.05 -1.21 -17.02
CA ALA A 468 -25.69 -2.13 -18.12
C ALA A 468 -24.82 -3.30 -17.66
N CYS A 469 -23.96 -3.06 -16.66
CA CYS A 469 -23.13 -4.13 -16.11
C CYS A 469 -23.98 -5.18 -15.42
N ILE A 470 -24.89 -4.73 -14.56
CA ILE A 470 -25.78 -5.64 -13.84
C ILE A 470 -26.69 -6.39 -14.82
N ALA A 471 -27.20 -5.66 -15.81
CA ALA A 471 -28.11 -6.22 -16.80
C ALA A 471 -27.47 -7.37 -17.55
N LEU A 472 -26.25 -7.17 -18.03
CA LEU A 472 -25.56 -8.22 -18.76
C LEU A 472 -25.19 -9.41 -17.87
N SER A 473 -24.78 -9.11 -16.63
CA SER A 473 -24.39 -10.15 -15.70
C SER A 473 -25.59 -11.04 -15.42
N GLN A 474 -26.74 -10.40 -15.18
CA GLN A 474 -28.00 -11.10 -14.95
C GLN A 474 -28.45 -11.97 -16.12
N ARG A 475 -28.19 -11.49 -17.34
CA ARG A 475 -28.48 -12.26 -18.56
C ARG A 475 -27.73 -13.57 -18.56
N TRP A 476 -26.44 -13.51 -18.21
CA TRP A 476 -25.61 -14.70 -18.20
C TRP A 476 -26.03 -15.65 -17.08
N ILE A 477 -26.22 -15.11 -15.87
CA ILE A 477 -26.60 -15.91 -14.72
C ILE A 477 -27.93 -16.67 -14.93
N THR A 478 -28.92 -15.98 -15.49
CA THR A 478 -30.23 -16.59 -15.74
C THR A 478 -30.29 -17.38 -17.03
N ALA A 479 -29.24 -17.30 -17.86
CA ALA A 479 -29.25 -18.00 -19.15
C ALA A 479 -29.30 -19.52 -18.94
N LYS A 480 -30.09 -20.20 -19.80
CA LYS A 480 -29.98 -21.65 -19.97
C LYS A 480 -29.25 -21.95 -21.28
N GLU A 481 -28.91 -23.22 -21.51
CA GLU A 481 -28.13 -23.61 -22.70
C GLU A 481 -28.68 -23.02 -23.99
N ASP A 482 -30.02 -23.05 -24.13
CA ASP A 482 -30.64 -22.55 -25.36
C ASP A 482 -30.62 -21.01 -25.53
N ASP A 483 -30.11 -20.31 -24.52
CA ASP A 483 -29.92 -18.85 -24.54
C ASP A 483 -28.48 -18.44 -24.92
N LEU A 484 -27.56 -19.38 -24.85
CA LEU A 484 -26.14 -19.11 -25.07
C LEU A 484 -25.84 -18.57 -26.48
N ASN A 485 -26.56 -19.09 -27.48
CA ASN A 485 -26.46 -18.59 -28.86
C ASN A 485 -26.76 -17.10 -28.99
N SER A 486 -27.63 -16.56 -28.14
CA SER A 486 -27.99 -15.15 -28.27
C SER A 486 -26.89 -14.20 -27.83
N PHE A 487 -25.86 -14.73 -27.16
CA PHE A 487 -24.73 -13.87 -26.78
C PHE A 487 -23.79 -13.62 -27.95
N ASN A 488 -23.23 -12.42 -28.00
CA ASN A 488 -22.43 -11.96 -29.14
C ASN A 488 -21.47 -10.83 -28.75
N ALA A 489 -20.34 -10.72 -29.45
CA ALA A 489 -19.39 -9.61 -29.23
C ALA A 489 -20.03 -8.23 -29.10
N THR A 490 -21.15 -8.01 -29.78
CA THR A 490 -21.83 -6.71 -29.74
C THR A 490 -22.39 -6.36 -28.36
N ASP A 491 -22.58 -7.36 -27.51
CA ASP A 491 -22.99 -7.12 -26.12
C ASP A 491 -22.05 -6.12 -25.41
N LEU A 492 -20.78 -6.07 -25.84
CA LEU A 492 -19.76 -5.26 -25.18
C LEU A 492 -19.54 -3.88 -25.81
N LYS A 493 -20.19 -3.66 -26.95
CA LYS A 493 -20.02 -2.48 -27.81
C LYS A 493 -19.92 -1.18 -27.05
N ASP A 494 -20.87 -0.95 -26.15
CA ASP A 494 -20.95 0.33 -25.46
C ASP A 494 -20.37 0.29 -24.02
N LEU A 495 -19.58 -0.73 -23.71
CA LEU A 495 -19.04 -0.86 -22.34
C LEU A 495 -17.60 -0.40 -22.28
N SER A 496 -17.27 0.46 -21.31
CA SER A 496 -15.89 0.86 -21.10
C SER A 496 -15.13 -0.31 -20.45
N SER A 497 -13.80 -0.26 -20.42
CA SER A 497 -13.02 -1.27 -19.68
C SER A 497 -13.49 -1.34 -18.22
N HIS A 498 -13.79 -0.18 -17.65
CA HIS A 498 -14.33 -0.12 -16.28
C HIS A 498 -15.63 -0.91 -16.13
N GLN A 499 -16.50 -0.78 -17.12
CA GLN A 499 -17.76 -1.50 -17.12
C GLN A 499 -17.59 -2.99 -17.37
N LEU A 500 -16.62 -3.35 -18.23
CA LEU A 500 -16.29 -4.76 -18.47
C LEU A 500 -15.86 -5.37 -17.15
N ASN A 501 -14.98 -4.65 -16.45
CA ASN A 501 -14.50 -5.08 -15.16
C ASN A 501 -15.64 -5.27 -14.15
N GLU A 502 -16.55 -4.30 -14.09
CA GLU A 502 -17.68 -4.41 -13.17
C GLU A 502 -18.66 -5.55 -13.57
N PHE A 503 -18.86 -5.74 -14.86
CA PHE A 503 -19.62 -6.89 -15.36
C PHE A 503 -19.02 -8.18 -14.80
N LEU A 504 -17.70 -8.30 -14.89
CA LEU A 504 -17.02 -9.50 -14.40
C LEU A 504 -17.11 -9.60 -12.90
N ALA A 505 -16.96 -8.46 -12.19
CA ALA A 505 -17.09 -8.46 -10.74
C ALA A 505 -18.49 -8.90 -10.28
N GLN A 506 -19.53 -8.46 -10.99
CA GLN A 506 -20.92 -8.86 -10.71
C GLN A 506 -21.10 -10.36 -10.89
N THR A 507 -20.57 -10.87 -11.98
CA THR A 507 -20.72 -12.28 -12.32
C THR A 507 -19.93 -13.17 -11.34
N LEU A 508 -18.74 -12.72 -10.98
CA LEU A 508 -17.86 -13.43 -10.05
C LEU A 508 -18.51 -13.59 -8.67
N GLN A 509 -19.33 -12.61 -8.28
CA GLN A 509 -20.10 -12.71 -7.04
C GLN A 509 -21.07 -13.90 -7.02
N ARG A 510 -21.47 -14.41 -8.18
CA ARG A 510 -22.42 -15.55 -8.24
C ARG A 510 -21.74 -16.83 -8.71
N ALA A 511 -20.41 -16.81 -8.77
CA ALA A 511 -19.64 -17.95 -9.27
C ALA A 511 -19.72 -19.12 -8.28
N PRO A 512 -19.68 -20.37 -8.79
CA PRO A 512 -19.44 -20.75 -10.20
C PRO A 512 -20.67 -20.57 -11.08
N LEU A 513 -20.43 -20.36 -12.37
CA LEU A 513 -21.45 -20.47 -13.41
C LEU A 513 -21.26 -21.82 -14.11
N PRO A 514 -22.26 -22.29 -14.87
CA PRO A 514 -22.02 -23.55 -15.60
C PRO A 514 -20.79 -23.42 -16.52
N LEU A 515 -20.05 -24.52 -16.64
CA LEU A 515 -18.82 -24.55 -17.45
C LEU A 515 -19.11 -24.13 -18.89
N GLY A 516 -20.21 -24.63 -19.45
CA GLY A 516 -20.62 -24.27 -20.80
C GLY A 516 -20.83 -22.77 -21.00
N HIS A 517 -21.37 -22.07 -20.00
CA HIS A 517 -21.53 -20.60 -20.08
C HIS A 517 -20.18 -19.87 -20.20
N ILE A 518 -19.24 -20.27 -19.36
CA ILE A 518 -17.91 -19.68 -19.34
C ILE A 518 -17.21 -19.96 -20.67
N LYS A 519 -17.32 -21.19 -21.17
CA LYS A 519 -16.75 -21.51 -22.49
C LYS A 519 -17.34 -20.57 -23.55
N ARG A 520 -18.66 -20.40 -23.51
CA ARG A 520 -19.34 -19.49 -24.44
C ARG A 520 -18.83 -18.06 -24.29
N MET A 521 -18.65 -17.60 -23.05
CA MET A 521 -18.13 -16.24 -22.80
C MET A 521 -16.80 -16.02 -23.52
N GLN A 522 -15.91 -17.00 -23.43
CA GLN A 522 -14.63 -16.91 -24.10
C GLN A 522 -14.85 -16.90 -25.62
N GLU A 523 -15.79 -17.73 -26.07
CA GLU A 523 -16.10 -17.84 -27.50
C GLU A 523 -16.54 -16.49 -28.09
N VAL A 524 -17.44 -15.80 -27.39
CA VAL A 524 -18.01 -14.55 -27.94
C VAL A 524 -17.33 -13.25 -27.49
N TYR A 525 -16.69 -13.26 -26.32
CA TYR A 525 -16.10 -12.05 -25.79
C TYR A 525 -14.56 -12.05 -25.83
N ASN A 526 -13.97 -13.23 -26.02
CA ASN A 526 -12.51 -13.39 -26.10
C ASN A 526 -11.77 -12.72 -24.96
N PHE A 527 -12.23 -12.98 -23.72
CA PHE A 527 -11.60 -12.37 -22.54
C PHE A 527 -10.17 -12.83 -22.36
N ASN A 528 -9.80 -13.97 -22.93
CA ASN A 528 -8.41 -14.44 -22.81
C ASN A 528 -7.43 -13.45 -23.43
N ALA A 529 -7.91 -12.61 -24.35
CA ALA A 529 -7.06 -11.67 -25.09
C ALA A 529 -6.80 -10.36 -24.35
N ILE A 530 -7.55 -10.12 -23.28
CA ILE A 530 -7.47 -8.87 -22.55
C ILE A 530 -6.28 -8.91 -21.58
N ASN A 531 -5.40 -7.92 -21.69
CA ASN A 531 -4.24 -7.84 -20.80
C ASN A 531 -4.41 -6.85 -19.63
N ASN A 532 -5.50 -6.07 -19.65
CA ASN A 532 -5.86 -5.28 -18.48
C ASN A 532 -5.89 -6.19 -17.25
N SER A 533 -4.98 -5.93 -16.30
CA SER A 533 -4.73 -6.87 -15.19
C SER A 533 -5.95 -7.05 -14.27
N GLU A 534 -6.71 -5.98 -14.04
CA GLU A 534 -7.94 -6.07 -13.22
C GLU A 534 -8.98 -6.98 -13.89
N ILE A 535 -9.21 -6.77 -15.17
CA ILE A 535 -10.12 -7.59 -15.96
C ILE A 535 -9.62 -9.02 -16.03
N ARG A 536 -8.36 -9.22 -16.43
CA ARG A 536 -7.85 -10.57 -16.60
C ARG A 536 -7.93 -11.34 -15.28
N PHE A 537 -7.59 -10.67 -14.18
CA PHE A 537 -7.70 -11.24 -12.83
C PHE A 537 -9.10 -11.84 -12.53
N ARG A 538 -10.13 -11.00 -12.59
CA ARG A 538 -11.51 -11.45 -12.35
C ARG A 538 -11.97 -12.53 -13.32
N TRP A 539 -11.59 -12.40 -14.59
CA TRP A 539 -11.95 -13.40 -15.59
C TRP A 539 -11.33 -14.77 -15.27
N LEU A 540 -10.05 -14.79 -14.90
CA LEU A 540 -9.42 -16.05 -14.54
C LEU A 540 -9.99 -16.65 -13.25
N ARG A 541 -10.32 -15.80 -12.28
CA ARG A 541 -10.99 -16.28 -11.06
C ARG A 541 -12.32 -16.94 -11.41
N LEU A 542 -13.08 -16.29 -12.29
CA LEU A 542 -14.36 -16.82 -12.75
C LEU A 542 -14.20 -18.17 -13.46
N CYS A 543 -13.17 -18.29 -14.27
CA CYS A 543 -12.90 -19.54 -14.99
C CYS A 543 -12.52 -20.70 -14.07
N ILE A 544 -11.61 -20.44 -13.12
CA ILE A 544 -11.16 -21.47 -12.17
C ILE A 544 -12.28 -21.90 -11.21
N GLN A 545 -12.97 -20.91 -10.64
CA GLN A 545 -14.13 -21.17 -9.79
C GLN A 545 -15.24 -21.95 -10.52
N SER A 546 -15.34 -21.74 -11.83
CA SER A 546 -16.28 -22.50 -12.67
C SER A 546 -15.67 -23.79 -13.26
N LYS A 547 -14.47 -24.15 -12.78
CA LYS A 547 -13.85 -25.46 -13.05
C LYS A 547 -13.45 -25.66 -14.51
N TRP A 548 -12.94 -24.61 -15.16
CA TRP A 548 -12.44 -24.74 -16.53
C TRP A 548 -10.95 -25.04 -16.51
N GLU A 549 -10.59 -26.30 -16.77
CA GLU A 549 -9.19 -26.75 -16.71
C GLU A 549 -8.27 -25.98 -17.66
N ASP A 550 -8.84 -25.52 -18.77
CA ASP A 550 -8.11 -24.73 -19.76
C ASP A 550 -7.49 -23.48 -19.11
N ALA A 551 -8.16 -22.95 -18.09
CA ALA A 551 -7.72 -21.69 -17.48
C ALA A 551 -6.60 -21.92 -16.47
N ILE A 552 -6.36 -23.17 -16.13
CA ILE A 552 -5.36 -23.51 -15.10
C ILE A 552 -3.98 -22.93 -15.42
N PRO A 553 -3.42 -23.22 -16.62
CA PRO A 553 -2.09 -22.67 -16.91
C PRO A 553 -2.08 -21.13 -17.01
N LEU A 554 -3.21 -20.55 -17.41
CA LEU A 554 -3.32 -19.08 -17.49
C LEU A 554 -3.28 -18.49 -16.09
N ALA A 555 -4.06 -19.07 -15.17
CA ALA A 555 -4.11 -18.61 -13.78
C ALA A 555 -2.77 -18.82 -13.09
N LEU A 556 -2.12 -19.95 -13.35
CA LEU A 556 -0.80 -20.21 -12.75
C LEU A 556 0.21 -19.17 -13.22
N LYS A 557 0.17 -18.89 -14.53
CA LYS A 557 1.05 -17.92 -15.16
C LYS A 557 0.86 -16.52 -14.56
N MET A 558 -0.37 -16.03 -14.49
CA MET A 558 -0.61 -14.72 -13.89
C MET A 558 -0.19 -14.65 -12.43
N ALA A 559 -0.44 -15.73 -11.68
CA ALA A 559 -0.16 -15.75 -10.23
C ALA A 559 1.33 -15.59 -9.93
N THR A 560 2.17 -16.08 -10.85
CA THR A 560 3.61 -16.13 -10.64
C THR A 560 4.40 -15.07 -11.43
N GLU A 561 3.91 -14.67 -12.59
CA GLU A 561 4.66 -13.72 -13.43
C GLU A 561 4.55 -12.29 -12.93
N GLN A 562 3.60 -12.06 -12.02
CA GLN A 562 3.58 -10.84 -11.23
C GLN A 562 3.28 -11.23 -9.78
N GLY A 563 3.46 -10.31 -8.84
CA GLY A 563 3.33 -10.64 -7.42
C GLY A 563 2.48 -9.67 -6.62
N ARG A 564 1.66 -8.87 -7.31
CA ARG A 564 0.72 -7.98 -6.61
C ARG A 564 -0.22 -8.88 -5.85
N MET A 565 -0.20 -8.71 -4.52
CA MET A 565 -0.90 -9.64 -3.63
C MET A 565 -2.39 -9.70 -3.89
N LYS A 566 -2.96 -8.55 -4.27
CA LYS A 566 -4.35 -8.44 -4.71
C LYS A 566 -4.70 -9.53 -5.75
N PHE A 567 -3.74 -9.87 -6.61
CA PHE A 567 -3.97 -10.82 -7.69
C PHE A 567 -3.41 -12.21 -7.35
N THR A 568 -2.16 -12.24 -6.88
CA THR A 568 -1.45 -13.49 -6.60
C THR A 568 -2.12 -14.35 -5.51
N ARG A 569 -2.58 -13.73 -4.43
CA ARG A 569 -3.19 -14.48 -3.34
C ARG A 569 -4.49 -15.17 -3.73
N PRO A 570 -5.45 -14.42 -4.32
CA PRO A 570 -6.71 -15.09 -4.63
C PRO A 570 -6.57 -16.07 -5.79
N LEU A 571 -5.66 -15.80 -6.72
CA LEU A 571 -5.42 -16.74 -7.82
C LEU A 571 -4.86 -18.07 -7.27
N PHE A 572 -3.88 -17.97 -6.39
CA PHE A 572 -3.35 -19.16 -5.72
C PHE A 572 -4.42 -19.90 -4.91
N LYS A 573 -5.23 -19.17 -4.13
CA LYS A 573 -6.30 -19.77 -3.33
C LYS A 573 -7.35 -20.47 -4.20
N ASP A 574 -7.70 -19.84 -5.31
CA ASP A 574 -8.66 -20.41 -6.27
C ASP A 574 -8.10 -21.72 -6.85
N LEU A 575 -6.84 -21.66 -7.26
CA LEU A 575 -6.17 -22.82 -7.83
C LEU A 575 -6.05 -23.99 -6.85
N ALA A 576 -5.86 -23.66 -5.57
CA ALA A 576 -5.78 -24.67 -4.52
C ALA A 576 -7.16 -25.27 -4.25
N ALA A 577 -8.20 -24.45 -4.38
CA ALA A 577 -9.56 -24.92 -4.08
C ALA A 577 -10.13 -25.78 -5.22
N PHE A 578 -9.49 -25.74 -6.38
CA PHE A 578 -9.92 -26.52 -7.55
C PHE A 578 -9.14 -27.85 -7.52
N ASP A 579 -9.86 -28.96 -7.38
CA ASP A 579 -9.19 -30.25 -7.21
C ASP A 579 -8.21 -30.54 -8.34
N LYS A 580 -8.56 -30.18 -9.57
CA LYS A 580 -7.72 -30.45 -10.73
C LYS A 580 -6.38 -29.69 -10.74
N SER A 581 -6.33 -28.53 -10.08
CA SER A 581 -5.12 -27.71 -10.06
C SER A 581 -4.45 -27.66 -8.70
N HIS A 582 -5.06 -28.28 -7.69
CA HIS A 582 -4.57 -28.18 -6.31
C HIS A 582 -3.09 -28.51 -6.18
N ASP A 583 -2.68 -29.68 -6.69
CA ASP A 583 -1.32 -30.15 -6.49
C ASP A 583 -0.32 -29.26 -7.20
N GLN A 584 -0.65 -28.87 -8.43
CA GLN A 584 0.21 -27.98 -9.18
C GLN A 584 0.34 -26.59 -8.55
N ALA A 585 -0.76 -26.06 -8.02
CA ALA A 585 -0.75 -24.81 -7.27
C ALA A 585 0.27 -24.86 -6.12
N VAL A 586 0.19 -25.92 -5.32
CA VAL A 586 1.07 -26.14 -4.16
C VAL A 586 2.52 -26.29 -4.64
N ARG A 587 2.74 -27.12 -5.66
CA ARG A 587 4.09 -27.31 -6.24
C ARG A 587 4.68 -26.02 -6.81
N THR A 588 3.84 -25.23 -7.46
CA THR A 588 4.28 -23.98 -8.06
C THR A 588 4.71 -23.01 -6.97
N TYR A 589 3.90 -22.87 -5.92
CA TYR A 589 4.28 -22.03 -4.79
C TYR A 589 5.63 -22.51 -4.22
N GLN A 590 5.76 -23.81 -3.98
CA GLN A 590 6.97 -24.38 -3.40
C GLN A 590 8.22 -24.02 -4.21
N GLU A 591 8.10 -24.10 -5.53
CA GLU A 591 9.22 -23.82 -6.43
C GLU A 591 9.60 -22.36 -6.55
N HIS A 592 8.63 -21.46 -6.37
CA HIS A 592 8.83 -20.02 -6.54
C HIS A 592 9.11 -19.28 -5.25
N LYS A 593 8.81 -19.95 -4.13
CA LYS A 593 8.78 -19.37 -2.79
C LYS A 593 10.06 -18.63 -2.38
N ALA A 594 11.22 -19.20 -2.72
CA ALA A 594 12.50 -18.60 -2.34
C ALA A 594 12.81 -17.30 -3.09
N SER A 595 12.20 -17.15 -4.27
CA SER A 595 12.45 -16.01 -5.11
C SER A 595 11.26 -15.02 -5.10
N MET A 596 10.31 -15.25 -4.20
CA MET A 596 9.16 -14.37 -4.04
C MET A 596 9.50 -13.26 -3.03
N HIS A 597 8.67 -12.23 -2.97
CA HIS A 597 8.74 -11.23 -1.92
C HIS A 597 8.46 -11.92 -0.57
N PRO A 598 9.27 -11.63 0.47
CA PRO A 598 9.12 -12.36 1.74
C PRO A 598 7.75 -12.27 2.42
N VAL A 599 7.07 -11.13 2.30
CA VAL A 599 5.72 -10.97 2.87
C VAL A 599 4.72 -11.76 2.02
N THR A 600 4.82 -11.60 0.71
CA THR A 600 3.98 -12.35 -0.22
C THR A 600 4.20 -13.85 -0.02
N ALA A 601 5.47 -14.28 0.09
CA ALA A 601 5.78 -15.71 0.30
C ALA A 601 5.10 -16.21 1.56
N MET A 602 5.19 -15.43 2.64
CA MET A 602 4.60 -15.81 3.92
C MET A 602 3.09 -15.97 3.82
N LEU A 603 2.43 -15.00 3.22
CA LEU A 603 0.96 -14.97 3.18
C LEU A 603 0.37 -16.03 2.26
N VAL A 604 0.97 -16.23 1.08
CA VAL A 604 0.52 -17.30 0.15
C VAL A 604 0.69 -18.66 0.83
N GLY A 605 1.85 -18.87 1.46
CA GLY A 605 2.08 -20.05 2.32
C GLY A 605 0.97 -20.29 3.32
N LYS A 606 0.62 -19.26 4.11
CA LYS A 606 -0.51 -19.36 5.03
C LYS A 606 -1.82 -19.67 4.30
N ASP A 607 -2.09 -18.92 3.22
CA ASP A 607 -3.29 -19.13 2.42
C ASP A 607 -3.41 -20.58 1.97
N LEU A 608 -2.30 -21.17 1.54
CA LEU A 608 -2.27 -22.53 0.99
C LEU A 608 -2.13 -23.61 2.07
N LYS A 609 -1.89 -23.18 3.32
CA LYS A 609 -1.62 -24.10 4.43
C LYS A 609 -0.44 -25.03 4.11
N VAL A 610 0.63 -24.46 3.55
CA VAL A 610 1.85 -25.22 3.30
C VAL A 610 2.98 -24.70 4.18
ZN ZN B . -3.70 3.67 0.43
YB YB C . -35.13 -21.81 -22.83
C1 80G D . -2.62 -2.74 7.95
C2 80G D . -2.13 -3.98 7.56
C3 80G D . -1.01 -4.06 6.74
C4 80G D . -0.39 -2.91 6.31
C5 80G D . -0.87 -1.66 6.69
C6 80G D . -1.99 -1.58 7.51
C7 80G D . -3.82 -2.64 8.84
C9 80G D . -6.11 -3.23 9.89
C10 80G D . -5.46 -2.11 10.41
C11 80G D . -4.22 -1.78 9.84
C12 80G D . 0.83 -3.00 5.40
N13 80G D . 0.47 -2.59 4.06
S8 80G D . -5.06 -3.89 8.61
C ACT E . -34.83 -23.89 -20.73
O ACT E . -34.20 -23.62 -21.78
OXT ACT E . -35.77 -23.08 -20.40
CH3 ACT E . -34.45 -25.11 -19.96
C ACT F . -1.93 1.81 -0.81
O ACT F . -2.70 1.73 0.17
OXT ACT F . -1.47 2.98 -1.08
CH3 ACT F . -1.60 0.58 -1.58
N1 IMD G . -17.04 -5.75 -6.64
C2 IMD G . -17.49 -4.83 -7.52
N3 IMD G . -18.77 -5.13 -7.84
C4 IMD G . -19.13 -6.25 -7.18
C5 IMD G . -18.02 -6.64 -6.42
N1 IMD H . -10.37 -0.89 -16.50
C2 IMD H . -10.38 -2.11 -15.90
N3 IMD H . -10.55 -1.95 -14.55
C4 IMD H . -10.66 -0.63 -14.31
C5 IMD H . -10.55 0.03 -15.53
#